data_2GCY
#
_entry.id   2GCY
#
_cell.length_a   90.260
_cell.length_b   90.260
_cell.length_c   217.300
_cell.angle_alpha   90.00
_cell.angle_beta   90.00
_cell.angle_gamma   120.00
#
_symmetry.space_group_name_H-M   'P 65 2 2'
#
loop_
_entity.id
_entity.type
_entity.pdbx_description
1 polymer 'huC25 fab fragment light chain'
2 polymer 'huC25 fab fragment heavy chain'
3 non-polymer 'SULFATE ION'
4 water water
#
loop_
_entity_poly.entity_id
_entity_poly.type
_entity_poly.pdbx_seq_one_letter_code
_entity_poly.pdbx_strand_id
1 'polypeptide(L)'
;EIVLTQSPATLSLSPGERATISCRASESVDSYGHSFMQWYQQKPGQAPRLLIYRASNLEPGIPARFSGSGSGTDFTLTIS
SLEPEDFAVYYCQQSNEAPFTFGQGTKVEIKRTVAAPSVFIFPPSDEQLKSGTASVVCLLNNFYPREAKVQWKVDNALQS
GNSQESVTEQDSKDSTYSLSSTLTLSKADYEKHKVYACEVTHQGLSSPVTKSFNRG
;
A
2 'polypeptide(L)'
;QVQLQESGGGLVQPGGSLRLSCAASGFTFSDYYMYWVRQAPGKGLEWVATISDGGSYTYYPDSVKGRFTISRDNSKNTLY
LQMNSLRAEDTAMYYCSRYRYDDAMDYWGQGTLVTVSSASTKGPSVFPLAPSSKSTSGGTAALGCLVKDYFPEPVTVSWN
SGALTSGVHTFPAVLQSSGLYSLSSVVTVPSSSLGTQTYICNVNHKPSNTKVDKKVEP
;
B
#
loop_
_chem_comp.id
_chem_comp.type
_chem_comp.name
_chem_comp.formula
SO4 non-polymer 'SULFATE ION' 'O4 S -2'
#
# COMPACT_ATOMS: atom_id res chain seq x y z
N GLU A 1 -9.77 -6.40 27.69
CA GLU A 1 -9.80 -5.88 26.30
C GLU A 1 -11.12 -6.09 25.57
N ILE A 2 -11.66 -5.03 24.99
CA ILE A 2 -12.90 -5.10 24.24
C ILE A 2 -12.54 -5.53 22.82
N VAL A 3 -13.01 -6.70 22.43
CA VAL A 3 -12.74 -7.23 21.09
C VAL A 3 -13.83 -6.76 20.13
N LEU A 4 -13.41 -6.23 18.99
CA LEU A 4 -14.35 -5.76 17.99
C LEU A 4 -14.25 -6.68 16.79
N THR A 5 -15.35 -7.35 16.47
CA THR A 5 -15.39 -8.26 15.36
C THR A 5 -16.25 -7.68 14.26
N GLN A 6 -15.64 -7.33 13.14
CA GLN A 6 -16.37 -6.78 12.00
C GLN A 6 -16.92 -7.87 11.10
N SER A 7 -18.03 -7.57 10.46
CA SER A 7 -18.66 -8.52 9.57
C SER A 7 -19.37 -7.74 8.47
N PRO A 8 -19.12 -8.10 7.20
CA PRO A 8 -18.26 -9.20 6.77
C PRO A 8 -16.80 -8.76 6.68
N ALA A 9 -15.91 -9.71 6.43
CA ALA A 9 -14.49 -9.41 6.29
C ALA A 9 -14.24 -8.79 4.91
N THR A 10 -14.91 -9.30 3.89
CA THR A 10 -14.76 -8.74 2.56
C THR A 10 -16.13 -8.48 1.95
N LEU A 11 -16.23 -7.40 1.19
CA LEU A 11 -17.48 -7.02 0.57
C LEU A 11 -17.19 -6.56 -0.87
N SER A 12 -17.92 -7.10 -1.84
CA SER A 12 -17.73 -6.73 -3.23
C SER A 12 -19.07 -6.28 -3.77
N LEU A 13 -19.20 -4.98 -4.02
CA LEU A 13 -20.45 -4.37 -4.51
C LEU A 13 -20.19 -3.40 -5.64
N SER A 14 -21.19 -3.24 -6.52
CA SER A 14 -21.11 -2.34 -7.67
C SER A 14 -21.43 -0.91 -7.29
N PRO A 15 -20.82 0.05 -7.99
CA PRO A 15 -21.15 1.42 -7.60
C PRO A 15 -22.66 1.64 -7.63
N GLY A 16 -23.14 2.55 -6.80
CA GLY A 16 -24.56 2.80 -6.75
C GLY A 16 -25.25 1.90 -5.73
N GLU A 17 -24.66 0.75 -5.41
CA GLU A 17 -25.29 -0.13 -4.42
C GLU A 17 -25.08 0.34 -2.98
N ARG A 18 -25.90 -0.17 -2.07
CA ARG A 18 -25.82 0.18 -0.65
C ARG A 18 -24.93 -0.85 0.07
N ALA A 19 -23.99 -0.36 0.87
CA ALA A 19 -23.10 -1.24 1.59
C ALA A 19 -23.34 -1.10 3.09
N THR A 20 -23.33 -2.24 3.79
CA THR A 20 -23.56 -2.26 5.23
C THR A 20 -22.48 -3.12 5.89
N ILE A 21 -21.73 -2.51 6.80
CA ILE A 21 -20.68 -3.23 7.52
C ILE A 21 -21.07 -3.19 8.99
N SER A 22 -20.92 -4.31 9.67
CA SER A 22 -21.27 -4.39 11.08
C SER A 22 -20.04 -4.58 11.94
N CYS A 23 -20.19 -4.27 13.23
CA CYS A 23 -19.13 -4.39 14.21
C CYS A 23 -19.81 -4.80 15.52
N ARG A 24 -19.35 -5.88 16.12
CA ARG A 24 -19.91 -6.32 17.39
C ARG A 24 -18.84 -6.30 18.46
N ALA A 25 -19.09 -5.57 19.54
CA ALA A 25 -18.14 -5.46 20.64
C ALA A 25 -18.43 -6.50 21.71
N SER A 26 -17.37 -7.10 22.26
CA SER A 26 -17.52 -8.13 23.29
C SER A 26 -18.11 -7.60 24.59
N GLU A 27 -17.89 -6.32 24.86
CA GLU A 27 -18.42 -5.66 26.05
C GLU A 27 -18.98 -4.34 25.54
N SER A 28 -19.91 -3.76 26.27
CA SER A 28 -20.50 -2.49 25.87
C SER A 28 -19.48 -1.40 25.58
N VAL A 29 -19.80 -0.58 24.58
CA VAL A 29 -18.96 0.54 24.20
C VAL A 29 -19.62 1.78 24.76
N ASP A 30 -20.80 1.57 25.36
CA ASP A 30 -21.61 2.64 25.95
C ASP A 30 -21.16 3.04 27.36
N SER A 31 -21.04 4.35 27.57
CA SER A 31 -20.67 4.90 28.86
C SER A 31 -21.04 6.37 28.87
N TYR A 32 -21.50 6.87 30.01
CA TYR A 32 -21.90 8.27 30.15
C TYR A 32 -22.99 8.66 29.16
N GLY A 33 -23.75 7.69 28.69
CA GLY A 33 -24.83 7.97 27.76
C GLY A 33 -24.44 8.13 26.30
N HIS A 34 -23.28 7.60 25.91
CA HIS A 34 -22.83 7.69 24.53
C HIS A 34 -22.03 6.47 24.10
N SER A 35 -22.10 6.15 22.82
CA SER A 35 -21.38 5.01 22.26
C SER A 35 -20.10 5.56 21.65
N PHE A 36 -18.96 5.12 22.16
CA PHE A 36 -17.69 5.62 21.66
C PHE A 36 -17.08 4.73 20.60
N MET A 37 -17.81 4.63 19.50
CA MET A 37 -17.45 3.82 18.36
C MET A 37 -17.11 4.75 17.20
N GLN A 38 -15.91 4.61 16.67
CA GLN A 38 -15.49 5.40 15.52
C GLN A 38 -15.37 4.48 14.30
N TRP A 39 -15.40 5.07 13.11
CA TRP A 39 -15.21 4.28 11.90
C TRP A 39 -14.15 4.97 11.06
N TYR A 40 -13.18 4.20 10.57
CA TYR A 40 -12.10 4.73 9.75
C TYR A 40 -12.06 4.11 8.38
N GLN A 41 -11.54 4.88 7.42
CA GLN A 41 -11.40 4.45 6.04
C GLN A 41 -9.93 4.52 5.71
N GLN A 42 -9.36 3.38 5.32
CA GLN A 42 -7.95 3.39 4.95
C GLN A 42 -7.74 2.93 3.53
N LYS A 43 -7.14 3.79 2.72
CA LYS A 43 -6.85 3.47 1.33
C LYS A 43 -5.37 3.10 1.24
N PRO A 44 -4.96 2.42 0.17
CA PRO A 44 -3.56 2.01 -0.02
C PRO A 44 -2.56 3.18 0.03
N GLY A 45 -1.50 3.01 0.80
CA GLY A 45 -0.50 4.06 0.91
C GLY A 45 -0.97 5.30 1.66
N GLN A 46 -1.98 5.15 2.50
CA GLN A 46 -2.50 6.29 3.25
C GLN A 46 -2.83 5.92 4.69
N ALA A 47 -3.02 6.95 5.51
CA ALA A 47 -3.35 6.74 6.91
C ALA A 47 -4.85 6.61 7.01
N PRO A 48 -5.32 6.00 8.10
CA PRO A 48 -6.76 5.81 8.31
C PRO A 48 -7.37 7.20 8.33
N ARG A 49 -8.56 7.34 7.75
CA ARG A 49 -9.23 8.62 7.77
C ARG A 49 -10.51 8.44 8.55
N LEU A 50 -10.80 9.40 9.43
CA LEU A 50 -12.01 9.33 10.26
C LEU A 50 -13.28 9.59 9.46
N LEU A 51 -14.23 8.66 9.52
CA LEU A 51 -15.50 8.81 8.82
C LEU A 51 -16.58 9.23 9.80
N ILE A 52 -16.78 8.39 10.82
CA ILE A 52 -17.79 8.61 11.84
C ILE A 52 -17.21 8.49 13.25
N TYR A 53 -17.72 9.30 14.17
CA TYR A 53 -17.24 9.23 15.55
C TYR A 53 -18.43 9.24 16.49
N ARG A 54 -18.22 8.68 17.68
CA ARG A 54 -19.27 8.59 18.68
C ARG A 54 -20.49 7.92 18.09
N ALA A 55 -20.23 6.88 17.30
CA ALA A 55 -21.24 6.04 16.68
C ALA A 55 -22.03 6.57 15.49
N SER A 56 -22.61 7.76 15.61
CA SER A 56 -23.43 8.28 14.52
C SER A 56 -23.18 9.68 13.98
N ASN A 57 -22.06 10.29 14.33
CA ASN A 57 -21.80 11.62 13.85
C ASN A 57 -20.89 11.65 12.65
N LEU A 58 -21.39 12.22 11.55
CA LEU A 58 -20.59 12.31 10.34
C LEU A 58 -19.49 13.34 10.55
N GLU A 59 -18.27 12.96 10.18
CA GLU A 59 -17.12 13.84 10.32
C GLU A 59 -17.21 14.92 9.24
N PRO A 60 -17.09 16.20 9.64
CA PRO A 60 -17.16 17.25 8.62
C PRO A 60 -16.15 17.01 7.49
N GLY A 61 -16.60 17.23 6.26
CA GLY A 61 -15.75 17.02 5.12
C GLY A 61 -16.03 15.68 4.46
N ILE A 62 -16.71 14.80 5.18
CA ILE A 62 -17.01 13.47 4.64
C ILE A 62 -18.37 13.50 3.94
N PRO A 63 -18.42 12.96 2.71
CA PRO A 63 -19.69 12.94 1.95
C PRO A 63 -20.83 12.34 2.77
N ALA A 64 -22.04 12.84 2.52
CA ALA A 64 -23.23 12.39 3.22
C ALA A 64 -23.59 10.93 2.96
N ARG A 65 -22.97 10.32 1.95
CA ARG A 65 -23.28 8.93 1.64
C ARG A 65 -22.85 8.01 2.78
N PHE A 66 -21.99 8.51 3.67
CA PHE A 66 -21.53 7.72 4.82
C PHE A 66 -22.36 8.03 6.06
N SER A 67 -22.70 7.01 6.83
CA SER A 67 -23.45 7.20 8.06
C SER A 67 -23.26 6.01 8.97
N GLY A 68 -23.46 6.22 10.27
CA GLY A 68 -23.28 5.15 11.23
C GLY A 68 -24.40 5.12 12.26
N SER A 69 -24.55 3.99 12.94
CA SER A 69 -25.58 3.86 13.96
C SER A 69 -25.24 2.69 14.88
N GLY A 70 -26.08 2.48 15.89
CA GLY A 70 -25.87 1.40 16.82
C GLY A 70 -25.57 1.94 18.20
N SER A 71 -25.35 1.03 19.14
CA SER A 71 -25.04 1.41 20.51
C SER A 71 -24.89 0.12 21.29
N GLY A 72 -24.36 0.20 22.50
CA GLY A 72 -24.17 -0.98 23.31
C GLY A 72 -23.04 -1.83 22.75
N THR A 73 -23.38 -2.97 22.16
CA THR A 73 -22.36 -3.84 21.60
C THR A 73 -22.47 -4.03 20.08
N ASP A 74 -23.55 -3.50 19.48
CA ASP A 74 -23.74 -3.65 18.03
C ASP A 74 -23.73 -2.34 17.26
N PHE A 75 -22.86 -2.24 16.26
CA PHE A 75 -22.77 -1.03 15.46
C PHE A 75 -22.76 -1.31 13.97
N THR A 76 -23.20 -0.33 13.19
CA THR A 76 -23.23 -0.48 11.75
C THR A 76 -22.75 0.76 11.01
N LEU A 77 -22.01 0.53 9.93
CA LEU A 77 -21.48 1.59 9.07
C LEU A 77 -22.20 1.40 7.75
N THR A 78 -22.70 2.48 7.17
CA THR A 78 -23.38 2.39 5.89
C THR A 78 -22.86 3.36 4.84
N ILE A 79 -22.86 2.91 3.60
CA ILE A 79 -22.46 3.74 2.47
C ILE A 79 -23.68 3.61 1.56
N SER A 80 -24.60 4.55 1.68
CA SER A 80 -25.86 4.52 0.93
C SER A 80 -25.71 4.30 -0.56
N SER A 81 -24.66 4.84 -1.16
CA SER A 81 -24.46 4.64 -2.58
C SER A 81 -22.98 4.66 -2.94
N LEU A 82 -22.40 3.47 -3.11
CA LEU A 82 -20.99 3.33 -3.44
C LEU A 82 -20.52 4.10 -4.67
N GLU A 83 -19.28 4.57 -4.61
CA GLU A 83 -18.64 5.28 -5.71
C GLU A 83 -17.33 4.51 -5.88
N PRO A 84 -16.72 4.55 -7.07
CA PRO A 84 -15.46 3.81 -7.23
C PRO A 84 -14.32 4.21 -6.27
N GLU A 85 -14.43 5.41 -5.68
CA GLU A 85 -13.41 5.86 -4.75
C GLU A 85 -13.58 5.32 -3.32
N ASP A 86 -14.65 4.57 -3.08
CA ASP A 86 -14.86 4.02 -1.74
C ASP A 86 -14.11 2.72 -1.51
N PHE A 87 -13.35 2.30 -2.51
CA PHE A 87 -12.54 1.10 -2.38
C PHE A 87 -11.58 1.35 -1.22
N ALA A 88 -11.65 0.53 -0.18
CA ALA A 88 -10.80 0.73 0.98
C ALA A 88 -11.06 -0.32 2.03
N VAL A 89 -10.23 -0.33 3.08
CA VAL A 89 -10.42 -1.25 4.17
C VAL A 89 -11.05 -0.39 5.25
N TYR A 90 -12.17 -0.83 5.83
CA TYR A 90 -12.86 -0.07 6.88
C TYR A 90 -12.65 -0.69 8.29
N TYR A 91 -12.39 0.15 9.28
CA TYR A 91 -12.15 -0.32 10.63
C TYR A 91 -13.07 0.37 11.64
N CYS A 92 -13.61 -0.39 12.59
CA CYS A 92 -14.40 0.22 13.63
C CYS A 92 -13.40 0.35 14.75
N GLN A 93 -13.53 1.38 15.57
CA GLN A 93 -12.58 1.58 16.64
C GLN A 93 -13.32 1.98 17.90
N GLN A 94 -12.84 1.45 19.03
CA GLN A 94 -13.47 1.68 20.32
C GLN A 94 -12.66 2.58 21.26
N SER A 95 -13.33 3.60 21.80
CA SER A 95 -12.71 4.57 22.71
C SER A 95 -13.51 4.63 24.01
N ASN A 96 -13.52 3.55 24.76
CA ASN A 96 -14.31 3.51 25.98
C ASN A 96 -13.65 2.70 27.10
N GLU A 97 -12.79 1.76 26.74
CA GLU A 97 -12.15 0.91 27.73
C GLU A 97 -10.64 1.02 27.74
N ALA A 98 -10.06 0.42 28.78
CA ALA A 98 -8.61 0.43 28.98
C ALA A 98 -7.79 0.58 27.71
N PRO A 99 -7.52 -0.51 26.96
CA PRO A 99 -6.73 -0.35 25.73
C PRO A 99 -7.60 -0.18 24.50
N PHE A 100 -7.45 0.94 23.80
CA PHE A 100 -8.22 1.20 22.59
C PHE A 100 -7.98 0.04 21.64
N THR A 101 -9.02 -0.33 20.88
CA THR A 101 -8.92 -1.44 19.94
C THR A 101 -9.64 -1.15 18.62
N PHE A 102 -9.16 -1.79 17.55
CA PHE A 102 -9.75 -1.64 16.23
C PHE A 102 -10.31 -3.00 15.81
N GLY A 103 -11.29 -2.98 14.91
CA GLY A 103 -11.85 -4.23 14.44
C GLY A 103 -10.81 -4.79 13.50
N GLN A 104 -11.03 -5.99 12.97
CA GLN A 104 -10.03 -6.56 12.06
C GLN A 104 -10.10 -5.93 10.67
N GLY A 105 -11.13 -5.13 10.41
CA GLY A 105 -11.26 -4.49 9.12
C GLY A 105 -12.07 -5.24 8.07
N THR A 106 -12.78 -4.48 7.24
CA THR A 106 -13.58 -5.04 6.18
C THR A 106 -13.03 -4.49 4.86
N LYS A 107 -12.64 -5.39 3.97
CA LYS A 107 -12.10 -4.97 2.69
C LYS A 107 -13.26 -4.78 1.73
N VAL A 108 -13.40 -3.58 1.21
CA VAL A 108 -14.49 -3.30 0.27
C VAL A 108 -13.98 -3.18 -1.16
N GLU A 109 -14.38 -4.11 -2.01
CA GLU A 109 -14.00 -4.06 -3.42
C GLU A 109 -15.20 -3.54 -4.21
N ILE A 110 -14.95 -2.67 -5.17
CA ILE A 110 -16.00 -2.11 -5.99
C ILE A 110 -16.26 -2.98 -7.23
N LYS A 111 -17.46 -3.55 -7.32
CA LYS A 111 -17.79 -4.39 -8.47
C LYS A 111 -17.94 -3.54 -9.72
N ARG A 112 -17.09 -3.83 -10.69
CA ARG A 112 -17.03 -3.11 -11.94
C ARG A 112 -17.45 -4.11 -13.02
N THR A 113 -17.78 -3.64 -14.22
CA THR A 113 -18.18 -4.57 -15.29
C THR A 113 -16.93 -5.21 -15.88
N VAL A 114 -17.06 -6.45 -16.36
CA VAL A 114 -15.93 -7.18 -16.92
C VAL A 114 -15.07 -6.28 -17.80
N ALA A 115 -13.76 -6.36 -17.60
CA ALA A 115 -12.81 -5.58 -18.36
C ALA A 115 -11.67 -6.52 -18.68
N ALA A 116 -11.34 -6.64 -19.96
CA ALA A 116 -10.28 -7.53 -20.39
C ALA A 116 -8.94 -6.84 -20.29
N PRO A 117 -7.91 -7.58 -19.86
CA PRO A 117 -6.55 -7.04 -19.70
C PRO A 117 -5.84 -6.84 -21.03
N SER A 118 -5.09 -5.74 -21.12
CA SER A 118 -4.29 -5.45 -22.31
C SER A 118 -2.93 -6.08 -21.98
N VAL A 119 -2.54 -7.11 -22.72
CA VAL A 119 -1.29 -7.81 -22.45
C VAL A 119 -0.06 -7.23 -23.14
N PHE A 120 1.02 -7.11 -22.37
CA PHE A 120 2.31 -6.60 -22.85
C PHE A 120 3.43 -7.52 -22.38
N ILE A 121 4.52 -7.58 -23.12
CA ILE A 121 5.64 -8.40 -22.72
C ILE A 121 6.96 -7.64 -22.94
N PHE A 122 7.87 -7.76 -21.98
CA PHE A 122 9.16 -7.07 -22.06
C PHE A 122 10.35 -8.01 -21.90
N PRO A 123 11.22 -8.06 -22.92
CA PRO A 123 12.39 -8.92 -22.85
C PRO A 123 13.40 -8.27 -21.91
N PRO A 124 14.31 -9.05 -21.32
CA PRO A 124 15.30 -8.48 -20.41
C PRO A 124 16.16 -7.46 -21.12
N SER A 125 16.35 -6.30 -20.50
CA SER A 125 17.14 -5.22 -21.08
C SER A 125 18.63 -5.49 -21.05
N ASP A 126 19.32 -5.05 -22.11
CA ASP A 126 20.76 -5.26 -22.25
C ASP A 126 21.55 -5.17 -20.94
N GLU A 127 21.30 -4.12 -20.15
CA GLU A 127 22.02 -3.95 -18.90
C GLU A 127 21.95 -5.17 -17.99
N GLN A 128 20.74 -5.58 -17.62
CA GLN A 128 20.58 -6.74 -16.75
C GLN A 128 21.18 -7.99 -17.37
N LEU A 129 21.35 -7.98 -18.68
CA LEU A 129 21.91 -9.14 -19.37
C LEU A 129 23.40 -9.28 -19.08
N LYS A 130 24.02 -8.18 -18.65
CA LYS A 130 25.44 -8.16 -18.32
C LYS A 130 25.64 -8.63 -16.88
N SER A 131 24.57 -8.58 -16.09
CA SER A 131 24.63 -8.98 -14.69
C SER A 131 24.56 -10.49 -14.49
N GLY A 132 24.43 -11.23 -15.58
CA GLY A 132 24.36 -12.68 -15.48
C GLY A 132 23.03 -13.21 -14.96
N THR A 133 21.97 -12.44 -15.18
CA THR A 133 20.63 -12.81 -14.75
C THR A 133 19.58 -12.19 -15.68
N ALA A 134 18.58 -12.99 -16.06
CA ALA A 134 17.53 -12.52 -16.97
C ALA A 134 16.14 -12.45 -16.35
N SER A 135 15.47 -11.30 -16.52
CA SER A 135 14.12 -11.09 -16.00
C SER A 135 13.18 -10.71 -17.13
N VAL A 136 12.19 -11.55 -17.38
CA VAL A 136 11.20 -11.29 -18.43
C VAL A 136 9.92 -10.90 -17.71
N VAL A 137 9.39 -9.74 -18.08
CA VAL A 137 8.17 -9.22 -17.47
C VAL A 137 6.93 -9.18 -18.36
N CYS A 138 5.86 -9.81 -17.90
CA CYS A 138 4.61 -9.81 -18.66
C CYS A 138 3.60 -8.94 -17.92
N LEU A 139 3.07 -7.93 -18.61
CA LEU A 139 2.12 -7.01 -18.03
C LEU A 139 0.63 -7.20 -18.38
N LEU A 140 -0.22 -7.28 -17.35
CA LEU A 140 -1.67 -7.38 -17.57
C LEU A 140 -2.22 -6.07 -17.05
N ASN A 141 -2.56 -5.17 -17.98
CA ASN A 141 -3.03 -3.85 -17.64
C ASN A 141 -4.54 -3.59 -17.73
N ASN A 142 -5.07 -2.98 -16.68
CA ASN A 142 -6.48 -2.59 -16.56
C ASN A 142 -7.56 -3.62 -16.82
N PHE A 143 -7.74 -4.57 -15.91
CA PHE A 143 -8.77 -5.59 -16.06
C PHE A 143 -9.61 -5.80 -14.81
N TYR A 144 -10.68 -6.59 -14.97
CA TYR A 144 -11.59 -6.94 -13.88
C TYR A 144 -12.48 -8.06 -14.41
N PRO A 145 -12.77 -9.07 -13.58
CA PRO A 145 -12.30 -9.23 -12.19
C PRO A 145 -10.80 -9.40 -12.03
N ARG A 146 -10.40 -9.58 -10.77
CA ARG A 146 -9.00 -9.72 -10.38
C ARG A 146 -8.41 -11.09 -10.70
N GLU A 147 -9.25 -12.12 -10.66
CA GLU A 147 -8.80 -13.46 -10.95
C GLU A 147 -8.31 -13.58 -12.38
N ALA A 148 -7.03 -13.91 -12.53
CA ALA A 148 -6.44 -14.07 -13.84
C ALA A 148 -5.40 -15.18 -13.76
N LYS A 149 -4.97 -15.68 -14.90
CA LYS A 149 -3.96 -16.73 -14.92
C LYS A 149 -2.89 -16.43 -15.95
N VAL A 150 -1.64 -16.64 -15.57
CA VAL A 150 -0.52 -16.37 -16.47
C VAL A 150 0.50 -17.50 -16.50
N GLN A 151 0.57 -18.19 -17.64
CA GLN A 151 1.53 -19.27 -17.81
C GLN A 151 2.66 -18.77 -18.67
N TRP A 152 3.88 -19.17 -18.32
CA TRP A 152 5.03 -18.77 -19.10
C TRP A 152 5.42 -19.94 -19.98
N LYS A 153 5.94 -19.64 -21.15
CA LYS A 153 6.34 -20.66 -22.09
C LYS A 153 7.66 -20.26 -22.71
N VAL A 154 8.64 -21.16 -22.65
CA VAL A 154 9.94 -20.92 -23.28
C VAL A 154 10.09 -22.00 -24.34
N ASP A 155 9.83 -21.63 -25.60
CA ASP A 155 9.90 -22.57 -26.71
C ASP A 155 8.90 -23.70 -26.43
N ASN A 156 7.65 -23.32 -26.20
CA ASN A 156 6.58 -24.27 -25.91
C ASN A 156 6.78 -25.05 -24.61
N ALA A 157 7.79 -24.67 -23.85
CA ALA A 157 8.05 -25.34 -22.59
C ALA A 157 7.33 -24.58 -21.45
N LEU A 158 6.37 -25.25 -20.82
CA LEU A 158 5.61 -24.65 -19.73
C LEU A 158 6.47 -24.48 -18.49
N GLN A 159 6.79 -23.24 -18.15
CA GLN A 159 7.63 -22.94 -16.98
C GLN A 159 6.93 -23.32 -15.68
N SER A 160 7.68 -23.32 -14.58
CA SER A 160 7.12 -23.69 -13.29
C SER A 160 8.06 -23.38 -12.13
N GLY A 161 7.57 -22.61 -11.16
CA GLY A 161 8.39 -22.26 -10.02
C GLY A 161 9.59 -21.41 -10.38
N ASN A 162 9.34 -20.35 -11.16
CA ASN A 162 10.42 -19.46 -11.56
C ASN A 162 9.86 -18.14 -12.07
N SER A 163 8.70 -17.77 -11.55
CA SER A 163 8.02 -16.52 -11.90
C SER A 163 7.27 -16.00 -10.67
N GLN A 164 7.23 -14.68 -10.52
CA GLN A 164 6.53 -14.08 -9.38
C GLN A 164 5.52 -13.04 -9.85
N GLU A 165 4.38 -13.00 -9.18
CA GLU A 165 3.34 -12.06 -9.52
C GLU A 165 3.11 -10.97 -8.49
N SER A 166 2.69 -9.81 -8.98
CA SER A 166 2.39 -8.67 -8.15
C SER A 166 1.21 -7.96 -8.79
N VAL A 167 0.13 -7.80 -8.04
CA VAL A 167 -1.05 -7.14 -8.54
C VAL A 167 -1.23 -5.83 -7.83
N THR A 168 -1.62 -4.80 -8.58
CA THR A 168 -1.84 -3.49 -8.01
C THR A 168 -3.15 -3.47 -7.23
N GLU A 169 -3.31 -2.45 -6.40
CA GLU A 169 -4.53 -2.27 -5.62
C GLU A 169 -5.56 -1.79 -6.64
N GLN A 170 -6.83 -2.08 -6.41
CA GLN A 170 -7.87 -1.66 -7.34
C GLN A 170 -7.78 -0.14 -7.57
N ASP A 171 -7.92 0.28 -8.82
CA ASP A 171 -7.87 1.70 -9.17
C ASP A 171 -9.10 2.36 -8.54
N SER A 172 -8.93 3.58 -8.04
CA SER A 172 -10.03 4.29 -7.40
C SER A 172 -10.80 5.16 -8.39
N LYS A 173 -10.35 5.15 -9.64
CA LYS A 173 -11.01 5.95 -10.67
C LYS A 173 -11.91 5.07 -11.53
N ASP A 174 -11.34 4.01 -12.12
CA ASP A 174 -12.08 3.10 -12.98
C ASP A 174 -12.22 1.67 -12.40
N SER A 175 -11.71 1.47 -11.19
CA SER A 175 -11.83 0.19 -10.51
C SER A 175 -11.17 -1.02 -11.17
N THR A 176 -10.26 -0.82 -12.11
CA THR A 176 -9.62 -1.97 -12.74
C THR A 176 -8.37 -2.36 -11.96
N TYR A 177 -7.75 -3.43 -12.41
CA TYR A 177 -6.53 -3.93 -11.80
C TYR A 177 -5.47 -4.05 -12.90
N SER A 178 -4.22 -4.18 -12.48
CA SER A 178 -3.11 -4.40 -13.38
C SER A 178 -2.27 -5.46 -12.67
N LEU A 179 -1.61 -6.31 -13.44
CA LEU A 179 -0.82 -7.37 -12.85
C LEU A 179 0.51 -7.49 -13.54
N SER A 180 1.50 -7.95 -12.79
CA SER A 180 2.84 -8.09 -13.33
C SER A 180 3.43 -9.47 -13.03
N SER A 181 3.93 -10.15 -14.05
CA SER A 181 4.54 -11.45 -13.89
C SER A 181 5.95 -11.39 -14.41
N THR A 182 6.92 -11.70 -13.56
CA THR A 182 8.30 -11.66 -13.96
C THR A 182 8.88 -13.06 -13.95
N LEU A 183 9.55 -13.41 -15.04
CA LEU A 183 10.19 -14.71 -15.18
C LEU A 183 11.68 -14.44 -15.01
N THR A 184 12.29 -15.11 -14.03
CA THR A 184 13.72 -14.96 -13.78
C THR A 184 14.47 -16.22 -14.23
N LEU A 185 15.34 -16.04 -15.22
CA LEU A 185 16.13 -17.11 -15.78
C LEU A 185 17.57 -16.65 -15.76
N SER A 186 18.52 -17.59 -15.82
CA SER A 186 19.92 -17.21 -15.84
C SER A 186 20.16 -16.64 -17.23
N LYS A 187 21.31 -15.99 -17.41
CA LYS A 187 21.65 -15.42 -18.71
C LYS A 187 21.89 -16.55 -19.72
N ALA A 188 22.29 -17.70 -19.21
CA ALA A 188 22.58 -18.88 -20.03
C ALA A 188 21.32 -19.48 -20.62
N ASP A 189 20.30 -19.70 -19.79
CA ASP A 189 19.04 -20.28 -20.22
C ASP A 189 18.38 -19.40 -21.27
N TYR A 190 18.33 -18.11 -21.01
CA TYR A 190 17.73 -17.14 -21.93
C TYR A 190 18.41 -17.12 -23.29
N GLU A 191 19.73 -17.29 -23.30
CA GLU A 191 20.49 -17.29 -24.54
C GLU A 191 20.38 -18.60 -25.32
N LYS A 192 20.11 -19.69 -24.61
CA LYS A 192 19.98 -20.99 -25.26
C LYS A 192 18.54 -21.28 -25.66
N HIS A 193 17.72 -20.23 -25.76
CA HIS A 193 16.33 -20.36 -26.15
C HIS A 193 15.91 -19.15 -26.98
N LYS A 194 14.72 -19.16 -27.57
CA LYS A 194 14.30 -18.02 -28.40
C LYS A 194 12.85 -17.56 -28.27
N VAL A 195 11.94 -18.49 -28.06
CA VAL A 195 10.53 -18.12 -27.96
C VAL A 195 10.10 -17.92 -26.52
N TYR A 196 9.78 -16.69 -26.17
CA TYR A 196 9.31 -16.40 -24.82
C TYR A 196 7.85 -15.96 -24.91
N ALA A 197 6.97 -16.77 -24.34
CA ALA A 197 5.55 -16.49 -24.40
C ALA A 197 4.85 -16.37 -23.05
N CYS A 198 3.86 -15.49 -23.04
CA CYS A 198 3.05 -15.20 -21.87
C CYS A 198 1.59 -15.47 -22.21
N GLU A 199 1.04 -16.58 -21.71
CA GLU A 199 -0.37 -16.90 -21.98
C GLU A 199 -1.29 -16.48 -20.84
N VAL A 200 -2.21 -15.57 -21.13
CA VAL A 200 -3.13 -15.08 -20.10
C VAL A 200 -4.58 -15.52 -20.27
N THR A 201 -5.12 -16.12 -19.22
CA THR A 201 -6.51 -16.54 -19.24
C THR A 201 -7.33 -15.62 -18.33
N HIS A 202 -8.38 -15.04 -18.90
CA HIS A 202 -9.23 -14.14 -18.12
C HIS A 202 -10.67 -14.12 -18.61
N GLN A 203 -11.57 -13.87 -17.66
CA GLN A 203 -13.01 -13.80 -17.87
C GLN A 203 -13.42 -12.83 -18.97
N GLY A 204 -12.60 -11.80 -19.20
CA GLY A 204 -12.93 -10.83 -20.21
C GLY A 204 -12.49 -11.27 -21.60
N LEU A 205 -11.71 -12.35 -21.68
CA LEU A 205 -11.23 -12.85 -22.95
C LEU A 205 -12.01 -14.12 -23.30
N SER A 206 -12.65 -14.13 -24.47
CA SER A 206 -13.41 -15.31 -24.88
C SER A 206 -12.50 -16.51 -25.07
N SER A 207 -11.21 -16.25 -25.30
CA SER A 207 -10.20 -17.29 -25.47
C SER A 207 -8.89 -16.76 -24.92
N PRO A 208 -8.12 -17.60 -24.22
CA PRO A 208 -6.84 -17.17 -23.65
C PRO A 208 -5.98 -16.52 -24.73
N VAL A 209 -5.26 -15.48 -24.35
CA VAL A 209 -4.41 -14.73 -25.26
C VAL A 209 -2.95 -14.96 -24.95
N THR A 210 -2.12 -15.00 -25.97
CA THR A 210 -0.70 -15.21 -25.77
C THR A 210 0.12 -14.08 -26.38
N LYS A 211 1.08 -13.58 -25.61
CA LYS A 211 1.95 -12.52 -26.07
C LYS A 211 3.36 -13.11 -26.01
N SER A 212 4.14 -12.95 -27.07
CA SER A 212 5.49 -13.50 -27.08
C SER A 212 6.52 -12.68 -27.85
N PHE A 213 7.77 -13.10 -27.77
CA PHE A 213 8.86 -12.43 -28.46
C PHE A 213 10.01 -13.41 -28.67
N ASN A 214 10.83 -13.17 -29.68
CA ASN A 214 12.00 -14.02 -29.95
C ASN A 214 13.19 -13.19 -29.49
N ARG A 215 14.13 -13.79 -28.76
CA ARG A 215 15.25 -13.00 -28.27
C ARG A 215 16.07 -12.36 -29.40
N GLY A 216 16.26 -11.05 -29.29
CA GLY A 216 17.01 -10.33 -30.31
C GLY A 216 16.20 -10.03 -31.56
N GLN B 1 -3.11 24.50 7.30
CA GLN B 1 -4.10 23.65 8.00
C GLN B 1 -3.43 22.60 8.87
N VAL B 2 -4.19 21.98 9.77
CA VAL B 2 -3.67 20.96 10.68
C VAL B 2 -2.90 19.88 9.93
N GLN B 3 -1.65 19.66 10.29
CA GLN B 3 -0.88 18.63 9.63
C GLN B 3 0.22 18.04 10.53
N LEU B 4 0.41 16.73 10.39
CA LEU B 4 1.38 16.01 11.18
C LEU B 4 2.50 15.36 10.36
N GLN B 5 3.71 15.91 10.45
CA GLN B 5 4.86 15.37 9.73
C GLN B 5 5.62 14.37 10.60
N GLU B 6 5.69 13.13 10.14
CA GLU B 6 6.40 12.09 10.87
C GLU B 6 7.74 11.87 10.20
N SER B 7 8.73 11.43 10.97
CA SER B 7 10.05 11.15 10.43
C SER B 7 10.77 10.22 11.40
N GLY B 8 11.96 9.79 11.02
CA GLY B 8 12.75 8.90 11.87
C GLY B 8 12.65 7.42 11.57
N GLY B 9 11.81 7.04 10.61
CA GLY B 9 11.66 5.62 10.30
C GLY B 9 12.79 5.05 9.47
N GLY B 10 12.80 3.73 9.32
CA GLY B 10 13.84 3.11 8.53
C GLY B 10 14.25 1.75 9.06
N LEU B 11 15.41 1.29 8.63
CA LEU B 11 15.95 0.00 9.01
C LEU B 11 16.70 0.10 10.35
N VAL B 12 16.53 -0.90 11.20
CA VAL B 12 17.20 -0.94 12.50
C VAL B 12 17.35 -2.38 12.97
N GLN B 13 18.52 -2.72 13.51
CA GLN B 13 18.79 -4.07 13.98
C GLN B 13 17.94 -4.50 15.15
N PRO B 14 17.63 -5.80 15.24
CA PRO B 14 16.82 -6.35 16.33
C PRO B 14 17.59 -6.05 17.60
N GLY B 15 16.87 -5.65 18.64
CA GLY B 15 17.52 -5.34 19.89
C GLY B 15 17.99 -3.91 19.87
N GLY B 16 17.80 -3.25 18.73
CA GLY B 16 18.24 -1.88 18.60
C GLY B 16 17.23 -0.88 19.12
N SER B 17 17.52 0.41 18.95
CA SER B 17 16.64 1.46 19.40
C SER B 17 16.41 2.40 18.23
N LEU B 18 15.25 3.05 18.23
CA LEU B 18 14.92 3.98 17.17
C LEU B 18 13.91 5.01 17.66
N ARG B 19 14.06 6.25 17.20
CA ARG B 19 13.14 7.27 17.62
C ARG B 19 12.34 7.90 16.49
N LEU B 20 11.02 7.86 16.63
CA LEU B 20 10.13 8.45 15.66
C LEU B 20 9.71 9.80 16.23
N SER B 21 9.43 10.77 15.37
CA SER B 21 9.02 12.07 15.81
C SER B 21 7.88 12.52 14.90
N CYS B 22 7.08 13.43 15.41
CA CYS B 22 5.94 13.94 14.66
C CYS B 22 5.84 15.44 14.92
N ALA B 23 6.16 16.23 13.91
CA ALA B 23 6.11 17.68 14.05
C ALA B 23 4.69 18.17 13.77
N ALA B 24 3.99 18.60 14.81
CA ALA B 24 2.61 19.08 14.65
C ALA B 24 2.62 20.48 14.05
N SER B 25 1.48 20.90 13.52
CA SER B 25 1.37 22.20 12.89
C SER B 25 -0.09 22.54 12.58
N GLY B 26 -0.45 23.81 12.69
CA GLY B 26 -1.82 24.21 12.38
C GLY B 26 -2.87 24.05 13.46
N PHE B 27 -2.43 23.92 14.72
CA PHE B 27 -3.36 23.80 15.83
C PHE B 27 -2.63 23.85 17.17
N THR B 28 -3.36 24.25 18.21
CA THR B 28 -2.79 24.36 19.55
C THR B 28 -2.43 22.97 20.05
N PHE B 29 -1.21 22.56 19.72
CA PHE B 29 -0.67 21.26 20.07
C PHE B 29 -0.87 20.83 21.53
N SER B 30 -0.54 21.72 22.46
CA SER B 30 -0.65 21.43 23.89
C SER B 30 -2.05 21.21 24.42
N ASP B 31 -3.04 21.42 23.55
CA ASP B 31 -4.43 21.26 23.93
C ASP B 31 -4.94 19.86 23.55
N TYR B 32 -4.06 18.99 23.06
CA TYR B 32 -4.51 17.67 22.65
C TYR B 32 -3.70 16.47 23.13
N TYR B 33 -4.38 15.34 23.26
CA TYR B 33 -3.75 14.09 23.62
C TYR B 33 -3.20 13.59 22.28
N MET B 34 -2.04 12.92 22.30
CA MET B 34 -1.45 12.41 21.07
C MET B 34 -1.35 10.88 21.11
N TYR B 35 -1.52 10.25 19.95
CA TYR B 35 -1.45 8.79 19.88
C TYR B 35 -0.48 8.29 18.83
N TRP B 36 0.05 7.10 19.08
CA TRP B 36 0.92 6.43 18.14
C TRP B 36 0.16 5.13 17.87
N VAL B 37 -0.12 4.84 16.61
CA VAL B 37 -0.81 3.63 16.21
C VAL B 37 0.10 2.93 15.18
N ARG B 38 0.09 1.61 15.15
CA ARG B 38 0.92 0.91 14.18
C ARG B 38 0.20 -0.14 13.37
N GLN B 39 0.74 -0.43 12.19
CA GLN B 39 0.16 -1.40 11.29
C GLN B 39 1.23 -2.34 10.72
N ALA B 40 1.26 -3.57 11.21
CA ALA B 40 2.24 -4.54 10.71
C ALA B 40 1.93 -4.73 9.22
N PRO B 41 2.98 -4.83 8.39
CA PRO B 41 2.78 -5.02 6.95
C PRO B 41 1.74 -6.07 6.60
N GLY B 42 0.64 -5.62 6.00
CA GLY B 42 -0.42 -6.52 5.61
C GLY B 42 -1.47 -6.82 6.67
N LYS B 43 -1.16 -6.52 7.94
CA LYS B 43 -2.12 -6.77 9.02
C LYS B 43 -2.96 -5.53 9.37
N GLY B 44 -3.57 -5.53 10.55
CA GLY B 44 -4.41 -4.40 10.95
C GLY B 44 -3.78 -3.30 11.79
N LEU B 45 -4.65 -2.49 12.39
CA LEU B 45 -4.22 -1.38 13.24
C LEU B 45 -4.15 -1.72 14.73
N GLU B 46 -3.03 -1.40 15.36
CA GLU B 46 -2.86 -1.63 16.80
C GLU B 46 -2.42 -0.34 17.52
N TRP B 47 -2.98 -0.12 18.69
CA TRP B 47 -2.64 1.02 19.51
C TRP B 47 -1.25 0.79 20.10
N VAL B 48 -0.39 1.80 20.06
CA VAL B 48 0.97 1.66 20.58
C VAL B 48 1.21 2.49 21.85
N ALA B 49 0.61 3.68 21.92
CA ALA B 49 0.81 4.54 23.09
C ALA B 49 -0.02 5.81 23.07
N THR B 50 -0.24 6.37 24.26
CA THR B 50 -0.99 7.60 24.44
C THR B 50 -0.32 8.52 25.44
N ILE B 51 -0.40 9.82 25.19
CA ILE B 51 0.19 10.79 26.11
C ILE B 51 -0.77 11.98 26.25
N SER B 52 -0.91 12.48 27.47
CA SER B 52 -1.80 13.62 27.75
C SER B 52 -1.27 14.94 27.21
N ASP B 53 -2.10 15.97 27.37
CA ASP B 53 -1.80 17.34 26.90
C ASP B 53 -0.39 17.84 27.19
N GLY B 54 -0.01 17.87 28.47
CA GLY B 54 1.31 18.35 28.84
C GLY B 54 2.36 17.29 29.12
N GLY B 55 2.07 16.05 28.75
CA GLY B 55 3.01 14.97 28.97
C GLY B 55 2.87 14.36 30.35
N SER B 56 1.97 14.89 31.15
CA SER B 56 1.76 14.38 32.50
C SER B 56 1.48 12.87 32.55
N TYR B 57 0.54 12.39 31.74
CA TYR B 57 0.22 10.97 31.75
C TYR B 57 0.53 10.26 30.44
N THR B 58 0.80 8.97 30.53
CA THR B 58 1.10 8.17 29.36
C THR B 58 0.61 6.76 29.60
N TYR B 59 0.22 6.07 28.52
CA TYR B 59 -0.26 4.70 28.61
C TYR B 59 0.27 3.85 27.46
N TYR B 60 0.52 2.57 27.77
CA TYR B 60 1.02 1.63 26.78
C TYR B 60 0.44 0.26 27.04
N PRO B 61 0.28 -0.54 25.97
CA PRO B 61 -0.26 -1.90 26.18
C PRO B 61 0.91 -2.69 26.76
N ASP B 62 0.63 -3.82 27.40
CA ASP B 62 1.68 -4.63 28.00
C ASP B 62 2.79 -5.10 27.07
N SER B 63 2.53 -5.15 25.77
CA SER B 63 3.53 -5.62 24.80
C SER B 63 4.58 -4.55 24.49
N VAL B 64 4.34 -3.33 24.95
CA VAL B 64 5.25 -2.24 24.68
C VAL B 64 5.79 -1.64 25.98
N LYS B 65 5.08 -1.87 27.07
CA LYS B 65 5.49 -1.34 28.37
C LYS B 65 6.96 -1.62 28.63
N GLY B 66 7.67 -0.60 29.12
CA GLY B 66 9.07 -0.76 29.43
C GLY B 66 10.04 -0.77 28.25
N ARG B 67 9.53 -0.81 27.02
CA ARG B 67 10.38 -0.83 25.82
C ARG B 67 10.29 0.47 25.04
N PHE B 68 9.08 1.04 25.00
CA PHE B 68 8.82 2.28 24.27
C PHE B 68 8.46 3.40 25.22
N THR B 69 8.83 4.62 24.87
CA THR B 69 8.49 5.74 25.70
C THR B 69 7.94 6.85 24.83
N ILE B 70 6.71 7.22 25.09
CA ILE B 70 6.10 8.29 24.34
C ILE B 70 6.37 9.55 25.16
N SER B 71 6.68 10.64 24.47
CA SER B 71 6.94 11.92 25.13
C SER B 71 6.66 13.04 24.14
N ARG B 72 6.72 14.28 24.61
CA ARG B 72 6.43 15.39 23.73
C ARG B 72 7.18 16.64 24.14
N ASP B 73 7.36 17.54 23.19
CA ASP B 73 8.05 18.80 23.47
C ASP B 73 7.09 19.89 23.01
N ASN B 74 6.21 20.34 23.92
CA ASN B 74 5.24 21.37 23.56
C ASN B 74 5.84 22.68 23.07
N SER B 75 7.06 22.99 23.46
CA SER B 75 7.66 24.23 22.99
C SER B 75 8.05 24.10 21.53
N LYS B 76 8.31 22.87 21.08
CA LYS B 76 8.66 22.65 19.68
C LYS B 76 7.54 21.96 18.91
N ASN B 77 6.38 21.82 19.55
CA ASN B 77 5.23 21.21 18.90
C ASN B 77 5.58 19.86 18.25
N THR B 78 6.33 19.05 18.98
CA THR B 78 6.75 17.75 18.49
C THR B 78 6.42 16.60 19.44
N LEU B 79 5.99 15.49 18.83
CA LEU B 79 5.63 14.27 19.54
C LEU B 79 6.72 13.24 19.23
N TYR B 80 7.14 12.49 20.22
CA TYR B 80 8.19 11.49 20.02
C TYR B 80 7.79 10.12 20.52
N LEU B 81 8.54 9.13 20.07
CA LEU B 81 8.38 7.76 20.49
C LEU B 81 9.77 7.12 20.42
N GLN B 82 10.34 6.85 21.60
CA GLN B 82 11.65 6.23 21.71
C GLN B 82 11.44 4.75 21.88
N MET B 83 11.91 3.99 20.91
CA MET B 83 11.74 2.54 20.98
C MET B 83 13.04 1.90 21.39
N ASN B 84 12.94 0.74 22.03
CA ASN B 84 14.12 0.00 22.47
C ASN B 84 13.83 -1.48 22.39
N SER B 85 14.88 -2.30 22.32
CA SER B 85 14.75 -3.74 22.26
C SER B 85 13.78 -4.21 21.18
N LEU B 86 13.90 -3.59 20.00
CA LEU B 86 13.04 -3.93 18.88
C LEU B 86 13.18 -5.38 18.44
N ARG B 87 12.09 -5.93 17.91
CA ARG B 87 12.07 -7.31 17.41
C ARG B 87 11.26 -7.32 16.12
N ALA B 88 11.45 -8.36 15.31
CA ALA B 88 10.74 -8.48 14.04
C ALA B 88 9.26 -8.14 14.19
N GLU B 89 8.65 -8.57 15.29
CA GLU B 89 7.24 -8.29 15.51
C GLU B 89 6.94 -6.79 15.59
N ASP B 90 7.96 -5.96 15.74
CA ASP B 90 7.76 -4.52 15.82
C ASP B 90 7.85 -3.82 14.48
N THR B 91 8.24 -4.53 13.42
CA THR B 91 8.35 -3.86 12.14
C THR B 91 6.94 -3.54 11.68
N ALA B 92 6.74 -2.31 11.22
CA ALA B 92 5.41 -1.89 10.81
C ALA B 92 5.38 -0.44 10.42
N MET B 93 4.24 -0.01 9.90
CA MET B 93 4.04 1.38 9.54
C MET B 93 3.52 2.06 10.81
N TYR B 94 4.20 3.13 11.22
CA TYR B 94 3.81 3.86 12.42
C TYR B 94 3.19 5.22 12.10
N TYR B 95 2.09 5.53 12.78
CA TYR B 95 1.36 6.77 12.60
C TYR B 95 1.19 7.52 13.90
N CYS B 96 1.20 8.84 13.83
CA CYS B 96 0.93 9.66 15.00
C CYS B 96 -0.49 10.15 14.77
N SER B 97 -1.20 10.40 15.85
CA SER B 97 -2.56 10.88 15.72
C SER B 97 -2.95 11.84 16.82
N ARG B 98 -3.79 12.81 16.46
CA ARG B 98 -4.29 13.80 17.41
C ARG B 98 -5.62 13.27 17.94
N TYR B 99 -5.87 13.49 19.21
CA TYR B 99 -7.09 13.00 19.83
C TYR B 99 -8.00 14.14 20.33
N ARG B 100 -9.18 14.25 19.73
CA ARG B 100 -10.13 15.28 20.12
C ARG B 100 -10.81 14.96 21.44
N TYR B 101 -11.38 15.99 22.03
CA TYR B 101 -12.09 15.89 23.31
C TYR B 101 -13.31 14.96 23.13
N ASP B 102 -13.80 14.86 21.89
CA ASP B 102 -14.95 14.02 21.59
C ASP B 102 -14.54 12.57 21.36
N ASP B 103 -13.34 12.23 21.78
CA ASP B 103 -12.82 10.87 21.64
C ASP B 103 -12.75 10.35 20.21
N ALA B 104 -12.05 11.09 19.35
CA ALA B 104 -11.90 10.70 17.96
C ALA B 104 -10.58 11.22 17.40
N MET B 105 -9.83 10.32 16.79
CA MET B 105 -8.56 10.68 16.18
C MET B 105 -8.87 11.18 14.78
N ASP B 106 -8.93 12.50 14.60
CA ASP B 106 -9.26 13.06 13.30
C ASP B 106 -8.11 13.41 12.34
N TYR B 107 -6.92 13.65 12.88
CA TYR B 107 -5.77 13.95 12.01
C TYR B 107 -4.67 12.94 12.28
N TRP B 108 -4.10 12.39 11.21
CA TRP B 108 -3.05 11.41 11.33
C TRP B 108 -1.83 11.79 10.49
N GLY B 109 -0.69 11.23 10.85
CA GLY B 109 0.51 11.51 10.08
C GLY B 109 0.44 10.61 8.86
N GLN B 110 1.27 10.88 7.86
CA GLN B 110 1.29 10.08 6.65
C GLN B 110 1.80 8.70 7.04
N GLY B 111 2.62 8.65 8.08
CA GLY B 111 3.17 7.38 8.52
C GLY B 111 4.64 7.24 8.16
N THR B 112 5.36 6.44 8.93
CA THR B 112 6.78 6.19 8.69
C THR B 112 6.96 4.70 8.97
N LEU B 113 7.67 4.00 8.08
CA LEU B 113 7.89 2.56 8.19
C LEU B 113 9.13 2.19 8.99
N VAL B 114 8.98 1.21 9.87
CA VAL B 114 10.09 0.74 10.68
C VAL B 114 10.34 -0.75 10.37
N THR B 115 11.47 -1.06 9.74
CA THR B 115 11.82 -2.44 9.43
C THR B 115 12.88 -2.90 10.42
N VAL B 116 12.53 -3.88 11.24
CA VAL B 116 13.46 -4.41 12.23
C VAL B 116 14.07 -5.67 11.66
N SER B 117 15.29 -5.56 11.14
CA SER B 117 16.00 -6.69 10.55
C SER B 117 17.50 -6.50 10.62
N SER B 118 18.20 -7.63 10.72
CA SER B 118 19.66 -7.64 10.77
C SER B 118 20.23 -7.66 9.35
N ALA B 119 19.37 -7.99 8.38
CA ALA B 119 19.76 -8.01 6.98
C ALA B 119 20.35 -6.64 6.67
N SER B 120 21.17 -6.57 5.62
CA SER B 120 21.81 -5.32 5.26
C SER B 120 21.15 -4.52 4.16
N THR B 121 21.37 -3.22 4.20
CA THR B 121 20.82 -2.27 3.23
C THR B 121 21.49 -2.47 1.87
N LYS B 122 20.68 -2.57 0.82
CA LYS B 122 21.21 -2.72 -0.52
C LYS B 122 20.48 -1.82 -1.51
N GLY B 123 21.25 -0.99 -2.20
CA GLY B 123 20.67 -0.09 -3.19
C GLY B 123 20.12 -0.89 -4.34
N PRO B 124 19.07 -0.37 -5.00
CA PRO B 124 18.45 -1.07 -6.12
C PRO B 124 19.14 -0.85 -7.46
N SER B 125 18.96 -1.79 -8.37
CA SER B 125 19.49 -1.70 -9.72
C SER B 125 18.30 -1.36 -10.61
N VAL B 126 18.48 -0.42 -11.54
CA VAL B 126 17.38 -0.03 -12.41
C VAL B 126 17.61 -0.35 -13.89
N PHE B 127 16.91 -1.36 -14.39
CA PHE B 127 17.01 -1.75 -15.79
C PHE B 127 15.77 -1.25 -16.51
N PRO B 128 15.93 -0.73 -17.73
CA PRO B 128 14.77 -0.24 -18.48
C PRO B 128 13.84 -1.36 -18.94
N LEU B 129 12.64 -0.97 -19.35
CA LEU B 129 11.64 -1.91 -19.86
C LEU B 129 11.01 -1.27 -21.08
N ALA B 130 11.81 -1.14 -22.15
CA ALA B 130 11.34 -0.53 -23.38
C ALA B 130 10.31 -1.33 -24.15
N PRO B 131 9.46 -0.64 -24.91
CA PRO B 131 8.39 -1.23 -25.71
C PRO B 131 8.95 -1.86 -26.98
N SER B 132 8.71 -3.16 -27.15
CA SER B 132 9.17 -3.87 -28.33
C SER B 132 8.35 -3.36 -29.52
N SER B 133 8.94 -3.39 -30.71
CA SER B 133 8.24 -2.92 -31.91
C SER B 133 7.14 -3.89 -32.36
N LYS B 134 7.28 -5.16 -32.00
CA LYS B 134 6.30 -6.19 -32.35
C LYS B 134 5.06 -5.94 -31.50
N SER B 135 5.26 -5.27 -30.37
CA SER B 135 4.15 -4.95 -29.48
C SER B 135 3.51 -3.66 -29.95
N THR B 136 2.26 -3.76 -30.41
CA THR B 136 1.51 -2.59 -30.88
C THR B 136 0.03 -2.71 -30.53
N SER B 137 -0.35 -2.13 -29.38
CA SER B 137 -1.73 -2.15 -28.88
C SER B 137 -2.56 -1.09 -29.59
N GLY B 138 -2.31 -0.89 -30.88
CA GLY B 138 -3.05 0.13 -31.60
C GLY B 138 -2.33 1.45 -31.37
N GLY B 139 -2.95 2.35 -30.63
CA GLY B 139 -2.34 3.64 -30.39
C GLY B 139 -1.62 3.85 -29.06
N THR B 140 -1.41 2.79 -28.28
CA THR B 140 -0.73 2.93 -27.00
C THR B 140 0.47 2.01 -26.83
N ALA B 141 1.55 2.57 -26.31
CA ALA B 141 2.79 1.85 -26.08
C ALA B 141 3.05 1.79 -24.57
N ALA B 142 3.35 0.59 -24.08
CA ALA B 142 3.61 0.43 -22.66
C ALA B 142 5.09 0.26 -22.39
N LEU B 143 5.63 1.10 -21.51
CA LEU B 143 7.03 1.01 -21.15
C LEU B 143 7.18 1.25 -19.65
N GLY B 144 8.21 0.66 -19.06
CA GLY B 144 8.39 0.84 -17.64
C GLY B 144 9.79 0.73 -17.11
N CYS B 145 9.89 0.65 -15.79
CA CYS B 145 11.16 0.55 -15.07
C CYS B 145 11.17 -0.67 -14.16
N LEU B 146 12.30 -1.35 -14.14
CA LEU B 146 12.49 -2.53 -13.31
C LEU B 146 13.50 -2.21 -12.22
N VAL B 147 13.03 -2.16 -10.97
CA VAL B 147 13.87 -1.87 -9.82
C VAL B 147 14.09 -3.17 -9.08
N LYS B 148 15.26 -3.77 -9.27
CA LYS B 148 15.54 -5.06 -8.65
C LYS B 148 16.62 -5.06 -7.57
N ASP B 149 16.47 -6.00 -6.65
CA ASP B 149 17.40 -6.20 -5.55
C ASP B 149 17.72 -5.00 -4.67
N TYR B 150 16.85 -4.74 -3.70
CA TYR B 150 17.04 -3.65 -2.76
C TYR B 150 16.44 -4.04 -1.42
N PHE B 151 16.85 -3.32 -0.39
CA PHE B 151 16.37 -3.59 0.95
C PHE B 151 16.84 -2.46 1.86
N PRO B 152 16.00 -2.04 2.82
CA PRO B 152 14.65 -2.57 3.03
C PRO B 152 13.69 -1.75 2.19
N GLU B 153 12.44 -1.69 2.64
CA GLU B 153 11.44 -0.89 1.94
C GLU B 153 11.54 0.53 2.51
N PRO B 154 10.99 1.51 1.79
CA PRO B 154 10.30 1.33 0.50
C PRO B 154 11.14 1.90 -0.64
N VAL B 155 10.48 2.12 -1.78
CA VAL B 155 11.11 2.67 -2.97
C VAL B 155 10.14 3.64 -3.61
N THR B 156 10.64 4.75 -4.14
CA THR B 156 9.77 5.74 -4.76
C THR B 156 10.07 5.85 -6.26
N VAL B 157 9.08 5.51 -7.08
CA VAL B 157 9.27 5.59 -8.53
C VAL B 157 8.30 6.56 -9.17
N SER B 158 8.82 7.63 -9.76
CA SER B 158 8.01 8.63 -10.44
C SER B 158 8.50 8.72 -11.89
N TRP B 159 7.79 9.44 -12.74
CA TRP B 159 8.16 9.58 -14.14
C TRP B 159 8.22 11.05 -14.57
N ASN B 160 9.27 11.40 -15.33
CA ASN B 160 9.45 12.78 -15.78
C ASN B 160 9.18 13.69 -14.60
N SER B 161 9.90 13.45 -13.50
CA SER B 161 9.77 14.23 -12.27
C SER B 161 8.33 14.53 -11.86
N GLY B 162 7.55 13.49 -11.63
CA GLY B 162 6.17 13.68 -11.20
C GLY B 162 5.27 14.35 -12.21
N ALA B 163 5.84 14.80 -13.33
CA ALA B 163 5.08 15.46 -14.38
C ALA B 163 4.14 14.49 -15.11
N LEU B 164 4.55 13.22 -15.14
CA LEU B 164 3.78 12.16 -15.79
C LEU B 164 3.18 11.24 -14.72
N THR B 165 1.94 11.53 -14.32
CA THR B 165 1.27 10.74 -13.29
C THR B 165 0.17 9.88 -13.91
N SER B 166 -0.52 10.45 -14.89
CA SER B 166 -1.60 9.76 -15.59
C SER B 166 -1.21 8.40 -16.19
N GLY B 167 -1.99 7.37 -15.88
CA GLY B 167 -1.72 6.04 -16.42
C GLY B 167 -0.55 5.25 -15.87
N VAL B 168 0.14 5.78 -14.87
CA VAL B 168 1.29 5.09 -14.28
C VAL B 168 0.85 4.01 -13.29
N HIS B 169 1.56 2.89 -13.28
CA HIS B 169 1.29 1.78 -12.36
C HIS B 169 2.61 1.30 -11.77
N THR B 170 2.74 1.43 -10.45
CA THR B 170 3.94 1.00 -9.74
C THR B 170 3.47 -0.14 -8.85
N PHE B 171 3.68 -1.37 -9.28
CA PHE B 171 3.24 -2.52 -8.52
C PHE B 171 3.89 -2.66 -7.15
N PRO B 172 3.17 -3.26 -6.19
CA PRO B 172 3.70 -3.46 -4.85
C PRO B 172 4.92 -4.36 -5.02
N ALA B 173 5.95 -4.15 -4.20
CA ALA B 173 7.18 -4.93 -4.30
C ALA B 173 7.07 -6.37 -3.79
N VAL B 174 7.70 -7.30 -4.49
CA VAL B 174 7.66 -8.70 -4.07
C VAL B 174 9.03 -9.11 -3.52
N LEU B 175 9.03 -9.98 -2.52
CA LEU B 175 10.28 -10.43 -1.93
C LEU B 175 10.82 -11.62 -2.73
N GLN B 176 12.08 -11.54 -3.12
CA GLN B 176 12.70 -12.63 -3.88
C GLN B 176 13.40 -13.63 -2.95
N SER B 177 13.62 -14.85 -3.44
CA SER B 177 14.28 -15.90 -2.68
C SER B 177 15.54 -15.37 -2.02
N SER B 178 16.41 -14.72 -2.80
CA SER B 178 17.66 -14.19 -2.26
C SER B 178 17.38 -13.58 -0.90
N GLY B 179 16.40 -12.69 -0.84
CA GLY B 179 16.03 -12.04 0.40
C GLY B 179 15.85 -10.55 0.17
N LEU B 180 15.83 -10.16 -1.10
CA LEU B 180 15.68 -8.77 -1.49
C LEU B 180 14.36 -8.54 -2.20
N TYR B 181 13.99 -7.26 -2.33
CA TYR B 181 12.73 -6.90 -2.99
C TYR B 181 12.91 -6.52 -4.42
N SER B 182 11.81 -6.52 -5.15
CA SER B 182 11.80 -6.18 -6.56
C SER B 182 10.40 -5.72 -6.92
N LEU B 183 10.33 -4.73 -7.80
CA LEU B 183 9.05 -4.19 -8.26
C LEU B 183 9.21 -3.53 -9.62
N SER B 184 8.11 -3.46 -10.36
CA SER B 184 8.15 -2.83 -11.66
C SER B 184 7.21 -1.62 -11.66
N SER B 185 7.54 -0.64 -12.49
CA SER B 185 6.73 0.55 -12.63
C SER B 185 6.56 0.76 -14.14
N VAL B 186 5.33 0.73 -14.62
CA VAL B 186 5.07 0.90 -16.04
C VAL B 186 4.09 2.05 -16.24
N VAL B 187 4.07 2.58 -17.45
CA VAL B 187 3.16 3.65 -17.78
C VAL B 187 2.77 3.46 -19.23
N THR B 188 1.51 3.71 -19.54
CA THR B 188 1.06 3.56 -20.91
C THR B 188 1.02 4.93 -21.56
N VAL B 189 1.66 5.03 -22.72
CA VAL B 189 1.71 6.28 -23.46
C VAL B 189 1.22 6.05 -24.89
N PRO B 190 0.89 7.14 -25.60
CA PRO B 190 0.41 7.07 -26.97
C PRO B 190 1.63 6.79 -27.84
N SER B 191 1.61 5.68 -28.58
CA SER B 191 2.73 5.29 -29.43
C SER B 191 3.22 6.40 -30.36
N SER B 192 2.43 7.45 -30.50
CA SER B 192 2.81 8.56 -31.37
C SER B 192 3.77 9.53 -30.68
N SER B 193 4.08 9.26 -29.42
CA SER B 193 4.99 10.12 -28.68
C SER B 193 6.24 9.35 -28.23
N LEU B 194 6.28 8.06 -28.54
CA LEU B 194 7.42 7.25 -28.16
C LEU B 194 8.75 7.89 -28.52
N GLY B 195 8.93 8.20 -29.80
CA GLY B 195 10.16 8.83 -30.22
C GLY B 195 10.05 10.33 -30.04
N THR B 196 8.82 10.82 -30.16
CA THR B 196 8.53 12.24 -30.01
C THR B 196 9.08 12.81 -28.71
N GLN B 197 8.61 12.25 -27.58
CA GLN B 197 9.03 12.74 -26.27
C GLN B 197 9.94 11.79 -25.48
N THR B 198 10.62 12.36 -24.50
CA THR B 198 11.55 11.64 -23.65
C THR B 198 10.88 11.15 -22.36
N TYR B 199 11.07 9.87 -22.06
CA TYR B 199 10.51 9.30 -20.84
C TYR B 199 11.59 8.81 -19.88
N ILE B 200 11.57 9.38 -18.68
CA ILE B 200 12.55 9.01 -17.65
C ILE B 200 11.84 8.65 -16.36
N CYS B 201 12.28 7.57 -15.71
CA CYS B 201 11.66 7.18 -14.46
C CYS B 201 12.60 7.53 -13.29
N ASN B 202 12.06 8.28 -12.33
CA ASN B 202 12.80 8.73 -11.15
C ASN B 202 12.64 7.78 -9.97
N VAL B 203 13.71 7.04 -9.67
CA VAL B 203 13.70 6.08 -8.56
C VAL B 203 14.47 6.62 -7.36
N ASN B 204 13.89 6.48 -6.16
CA ASN B 204 14.57 6.93 -4.95
C ASN B 204 14.42 5.92 -3.83
N HIS B 205 15.56 5.42 -3.33
CA HIS B 205 15.59 4.45 -2.24
C HIS B 205 16.29 5.17 -1.09
N LYS B 206 15.54 5.98 -0.35
CA LYS B 206 16.09 6.75 0.76
C LYS B 206 16.95 5.99 1.77
N PRO B 207 16.62 4.71 2.05
CA PRO B 207 17.47 4.02 3.03
C PRO B 207 18.91 3.73 2.58
N SER B 208 19.21 3.98 1.31
CA SER B 208 20.56 3.75 0.79
C SER B 208 21.06 4.98 0.03
N ASN B 209 20.32 6.08 0.14
CA ASN B 209 20.70 7.31 -0.55
C ASN B 209 20.93 7.08 -2.04
N THR B 210 20.01 6.36 -2.68
CA THR B 210 20.12 6.08 -4.11
C THR B 210 19.02 6.81 -4.85
N LYS B 211 19.41 7.58 -5.85
CA LYS B 211 18.45 8.34 -6.66
C LYS B 211 18.84 8.19 -8.12
N VAL B 212 18.27 7.19 -8.77
CA VAL B 212 18.57 6.93 -10.17
C VAL B 212 17.54 7.55 -11.09
N ASP B 213 17.97 7.89 -12.30
CA ASP B 213 17.09 8.48 -13.32
C ASP B 213 17.28 7.75 -14.65
N LYS B 214 16.93 6.47 -14.65
CA LYS B 214 17.05 5.63 -15.84
C LYS B 214 16.12 6.14 -16.93
N LYS B 215 16.62 6.15 -18.16
CA LYS B 215 15.82 6.61 -19.28
C LYS B 215 15.40 5.40 -20.11
N VAL B 216 14.15 5.42 -20.58
CA VAL B 216 13.66 4.32 -21.39
C VAL B 216 13.23 4.82 -22.76
N GLU B 217 13.33 3.94 -23.75
CA GLU B 217 13.00 4.25 -25.13
C GLU B 217 13.20 3.00 -25.98
N PRO B 218 12.25 2.68 -26.86
CA PRO B 218 12.38 1.48 -27.69
C PRO B 218 13.47 1.68 -28.75
S SO4 C . -9.12 10.54 0.47
O1 SO4 C . -10.56 10.25 0.56
O2 SO4 C . -8.93 11.99 0.25
O3 SO4 C . -8.52 9.79 -0.65
O4 SO4 C . -8.44 10.15 1.72
S SO4 D . -18.47 17.17 18.97
O1 SO4 D . -17.62 18.18 19.66
O2 SO4 D . -17.58 16.17 18.34
O3 SO4 D . -19.28 17.81 17.94
O4 SO4 D . -19.34 16.50 19.95
S SO4 E . -15.31 1.81 -18.63
O1 SO4 E . -14.32 1.98 -17.55
O2 SO4 E . -15.21 0.46 -19.20
O3 SO4 E . -15.03 2.82 -19.68
O4 SO4 E . -16.69 2.00 -18.13
S SO4 F . 15.54 15.65 18.02
O1 SO4 F . 15.46 15.67 19.50
O2 SO4 F . 16.40 14.53 17.58
O3 SO4 F . 16.14 16.92 17.55
O4 SO4 F . 14.19 15.50 17.45
#